data_1S99
#
_entry.id   1S99
#
_cell.length_a   60.930
_cell.length_b   83.280
_cell.length_c   85.900
_cell.angle_alpha   90.00
_cell.angle_beta   90.00
_cell.angle_gamma   90.00
#
_symmetry.space_group_name_H-M   'P 21 21 21'
#
loop_
_entity.id
_entity.type
_entity.pdbx_description
1 polymer ykoF
2 non-polymer 'ACETATE ION'
3 non-polymer 'CALCIUM ION'
4 water water
#
_entity_poly.entity_id   1
_entity_poly.type   'polypeptide(L)'
_entity_poly.pdbx_seq_one_letter_code
;MEHICGTSRIAGFRFSLYP(MSE)TDDFISVIKSALAATDTSKVWTKTDHISTVLRGSIDHVFDAAKAIYLHAANSEQHI
V(MSE)NGTFSIGCPGDTQGDTYLSKGDKRVNEDAVRGLKAEAPCQFALYP(MSE)NEPDY(MSE)GLI(MSE)EAVDIA
KAQGTFVQGVHYASELDGDAHDVFSTLEAVFR(MSE)AEQQTNHIT(MSE)TVNLSANSPSRKNRKQG
;
_entity_poly.pdbx_strand_id   A,B
#
loop_
_chem_comp.id
_chem_comp.type
_chem_comp.name
_chem_comp.formula
ACT non-polymer 'ACETATE ION' 'C2 H3 O2 -1'
CA non-polymer 'CALCIUM ION' 'Ca 2'
#
# COMPACT_ATOMS: atom_id res chain seq x y z
N ARG A 9 -2.97 -23.39 -3.59
CA ARG A 9 -2.08 -22.46 -2.82
C ARG A 9 -1.54 -21.38 -3.78
N ILE A 10 -2.47 -20.62 -4.30
CA ILE A 10 -2.22 -19.62 -5.33
C ILE A 10 -1.72 -18.33 -4.66
N ALA A 11 -0.66 -17.73 -5.20
CA ALA A 11 -0.13 -16.44 -4.76
C ALA A 11 -0.77 -15.31 -5.56
N GLY A 12 -0.89 -14.15 -4.95
CA GLY A 12 -1.39 -12.98 -5.70
C GLY A 12 -0.65 -11.69 -5.40
N PHE A 13 -0.79 -10.71 -6.29
CA PHE A 13 -0.21 -9.38 -6.09
C PHE A 13 -1.21 -8.36 -6.64
N ARG A 14 -1.79 -7.58 -5.75
CA ARG A 14 -2.63 -6.46 -6.15
C ARG A 14 -1.80 -5.21 -6.06
N PHE A 15 -1.64 -4.47 -7.17
CA PHE A 15 -0.68 -3.38 -7.16
C PHE A 15 -1.19 -2.29 -8.06
N SER A 16 -0.68 -1.09 -7.82
CA SER A 16 -0.87 0.09 -8.64
C SER A 16 0.52 0.62 -9.06
N LEU A 17 0.55 1.22 -10.24
CA LEU A 17 1.74 1.86 -10.81
C LEU A 17 1.41 3.32 -10.94
N TYR A 18 2.24 4.21 -10.37
CA TYR A 18 1.94 5.63 -10.29
C TYR A 18 3.03 6.40 -11.02
N PRO A 19 2.78 6.81 -12.27
CA PRO A 19 3.73 7.67 -12.99
C PRO A 19 3.47 9.15 -12.77
N MSE A 20 4.45 9.83 -12.19
CA MSE A 20 4.38 11.22 -11.81
C MSE A 20 4.78 12.05 -13.06
O MSE A 20 5.85 12.65 -13.15
CB MSE A 20 5.28 11.47 -10.60
CG MSE A 20 4.50 11.57 -9.30
SE MSE A 20 3.60 9.87 -8.85
CE MSE A 20 5.14 8.76 -8.62
N THR A 21 3.84 12.04 -13.99
CA THR A 21 4.01 12.60 -15.32
C THR A 21 2.67 12.73 -16.00
N ASP A 22 2.56 13.78 -16.82
CA ASP A 22 1.43 13.96 -17.70
C ASP A 22 1.20 12.71 -18.61
N ASP A 23 2.28 12.03 -18.95
CA ASP A 23 2.23 10.86 -19.84
C ASP A 23 1.89 9.55 -19.13
N PHE A 24 1.24 9.64 -17.97
CA PHE A 24 1.02 8.46 -17.14
C PHE A 24 0.24 7.29 -17.77
N ILE A 25 -0.76 7.58 -18.60
CA ILE A 25 -1.54 6.50 -19.25
C ILE A 25 -0.62 5.62 -20.08
N SER A 26 0.23 6.26 -20.90
CA SER A 26 1.11 5.55 -21.80
C SER A 26 2.16 4.76 -21.01
N VAL A 27 2.69 5.35 -19.94
CA VAL A 27 3.71 4.69 -19.14
C VAL A 27 3.16 3.35 -18.55
N ILE A 28 1.96 3.38 -18.02
CA ILE A 28 1.37 2.18 -17.38
C ILE A 28 1.08 1.11 -18.45
N LYS A 29 0.47 1.55 -19.56
CA LYS A 29 0.15 0.66 -20.66
C LYS A 29 1.41 -0.03 -21.18
N SER A 30 2.49 0.73 -21.36
CA SER A 30 3.73 0.18 -21.86
C SER A 30 4.34 -0.81 -20.93
N ALA A 31 4.32 -0.52 -19.63
CA ALA A 31 5.02 -1.37 -18.69
C ALA A 31 4.35 -2.75 -18.63
N LEU A 32 3.01 -2.73 -18.66
CA LEU A 32 2.22 -3.98 -18.65
C LEU A 32 2.39 -4.79 -19.95
N ALA A 33 2.38 -4.09 -21.08
CA ALA A 33 2.55 -4.72 -22.42
C ALA A 33 3.94 -5.29 -22.66
N ALA A 34 4.96 -4.60 -22.12
CA ALA A 34 6.35 -5.01 -22.34
C ALA A 34 6.65 -6.30 -21.58
N THR A 35 5.95 -6.55 -20.48
CA THR A 35 6.16 -7.69 -19.62
C THR A 35 5.57 -8.94 -20.30
N ASP A 36 6.23 -10.06 -20.14
CA ASP A 36 5.67 -11.37 -20.48
C ASP A 36 4.71 -11.70 -19.37
N THR A 37 3.42 -11.55 -19.66
CA THR A 37 2.32 -11.82 -18.70
C THR A 37 1.61 -13.14 -18.94
N SER A 38 2.29 -14.03 -19.68
CA SER A 38 1.68 -15.29 -20.12
C SER A 38 1.48 -16.32 -18.99
N LYS A 39 2.18 -16.18 -17.90
CA LYS A 39 2.11 -17.16 -16.79
C LYS A 39 1.34 -16.67 -15.55
N VAL A 40 0.70 -15.51 -15.63
CA VAL A 40 -0.15 -14.97 -14.55
C VAL A 40 -1.53 -14.67 -15.06
N TRP A 41 -2.52 -14.92 -14.23
CA TRP A 41 -3.86 -14.46 -14.49
C TRP A 41 -3.91 -12.98 -14.05
N THR A 42 -4.50 -12.10 -14.85
CA THR A 42 -4.57 -10.66 -14.51
C THR A 42 -5.98 -10.10 -14.64
N LYS A 43 -6.24 -9.08 -13.84
CA LYS A 43 -7.46 -8.30 -13.91
C LYS A 43 -7.13 -6.89 -13.50
N THR A 44 -7.47 -5.93 -14.35
CA THR A 44 -7.14 -4.54 -14.14
C THR A 44 -8.43 -3.74 -13.97
N ASP A 45 -8.47 -2.84 -13.00
CA ASP A 45 -9.56 -1.91 -12.81
C ASP A 45 -8.99 -0.51 -12.70
N HIS A 46 -9.82 0.51 -12.39
CA HIS A 46 -9.31 1.89 -12.51
C HIS A 46 -8.38 2.27 -11.32
N ILE A 47 -8.31 1.42 -10.31
CA ILE A 47 -7.43 1.65 -9.15
C ILE A 47 -6.18 0.77 -9.21
N SER A 48 -6.32 -0.52 -9.50
CA SER A 48 -5.21 -1.43 -9.43
C SER A 48 -5.33 -2.61 -10.40
N THR A 49 -4.26 -3.39 -10.48
CA THR A 49 -4.23 -4.66 -11.20
C THR A 49 -3.88 -5.78 -10.21
N VAL A 50 -4.47 -6.96 -10.40
CA VAL A 50 -4.11 -8.12 -9.64
C VAL A 50 -3.55 -9.18 -10.55
N LEU A 51 -2.45 -9.77 -10.12
CA LEU A 51 -1.80 -10.89 -10.76
C LEU A 51 -2.02 -12.08 -9.85
N ARG A 52 -2.28 -13.25 -10.43
CA ARG A 52 -2.37 -14.49 -9.66
C ARG A 52 -1.66 -15.63 -10.36
N GLY A 53 -1.00 -16.46 -9.58
CA GLY A 53 -0.25 -17.57 -10.12
C GLY A 53 0.65 -18.18 -9.06
N SER A 54 1.71 -18.82 -9.49
CA SER A 54 2.69 -19.37 -8.57
C SER A 54 3.47 -18.22 -7.96
N ILE A 55 4.05 -18.44 -6.77
CA ILE A 55 4.99 -17.47 -6.20
C ILE A 55 6.05 -17.05 -7.21
N ASP A 56 6.64 -18.02 -7.91
CA ASP A 56 7.66 -17.71 -8.87
C ASP A 56 7.17 -16.78 -9.98
N HIS A 57 6.01 -17.10 -10.54
CA HIS A 57 5.51 -16.39 -11.69
C HIS A 57 5.01 -15.00 -11.26
N VAL A 58 4.39 -14.90 -10.09
CA VAL A 58 3.94 -13.58 -9.60
C VAL A 58 5.12 -12.60 -9.34
N PHE A 59 6.16 -13.06 -8.66
CA PHE A 59 7.33 -12.23 -8.42
C PHE A 59 8.11 -11.94 -9.69
N ASP A 60 8.19 -12.91 -10.61
CA ASP A 60 8.87 -12.70 -11.88
C ASP A 60 8.16 -11.58 -12.62
N ALA A 61 6.84 -11.67 -12.64
CA ALA A 61 6.05 -10.63 -13.32
C ALA A 61 6.14 -9.22 -12.68
N ALA A 62 6.01 -9.16 -11.36
CA ALA A 62 6.12 -7.91 -10.60
C ALA A 62 7.45 -7.22 -10.86
N LYS A 63 8.56 -7.95 -10.78
CA LYS A 63 9.89 -7.35 -11.03
C LYS A 63 10.00 -6.79 -12.44
N ALA A 64 9.52 -7.54 -13.42
CA ALA A 64 9.60 -7.09 -14.82
C ALA A 64 8.80 -5.83 -15.06
N ILE A 65 7.59 -5.79 -14.53
CA ILE A 65 6.74 -4.62 -14.63
C ILE A 65 7.46 -3.40 -14.03
N TYR A 66 8.08 -3.56 -12.87
CA TYR A 66 8.82 -2.48 -12.21
C TYR A 66 9.98 -2.02 -13.10
N LEU A 67 10.79 -2.98 -13.52
CA LEU A 67 11.92 -2.67 -14.43
C LEU A 67 11.49 -1.96 -15.69
N HIS A 68 10.46 -2.43 -16.39
CA HIS A 68 10.00 -1.70 -17.58
C HIS A 68 9.50 -0.31 -17.26
N ALA A 69 8.72 -0.14 -16.20
CA ALA A 69 8.21 1.20 -15.86
C ALA A 69 9.37 2.17 -15.55
N ALA A 70 10.35 1.70 -14.79
CA ALA A 70 11.47 2.51 -14.32
C ALA A 70 12.33 2.93 -15.52
N ASN A 71 12.40 2.09 -16.53
CA ASN A 71 13.24 2.37 -17.70
C ASN A 71 12.54 3.29 -18.69
N SER A 72 11.35 3.73 -18.35
CA SER A 72 10.73 4.88 -19.02
C SER A 72 11.48 6.18 -18.71
N GLU A 73 12.34 6.14 -17.69
CA GLU A 73 13.03 7.29 -17.11
C GLU A 73 12.17 8.30 -16.38
N GLN A 74 10.87 8.05 -16.27
CA GLN A 74 9.98 8.93 -15.51
C GLN A 74 10.00 8.49 -14.03
N HIS A 75 9.61 9.38 -13.13
CA HIS A 75 9.49 9.01 -11.72
C HIS A 75 8.23 8.15 -11.64
N ILE A 76 8.38 6.92 -11.21
CA ILE A 76 7.26 5.96 -11.07
C ILE A 76 7.37 5.23 -9.73
N VAL A 77 6.23 4.90 -9.17
CA VAL A 77 6.20 4.10 -7.97
C VAL A 77 5.30 2.88 -8.17
N MSE A 78 5.71 1.75 -7.63
CA MSE A 78 4.90 0.55 -7.59
C MSE A 78 4.52 0.36 -6.13
O MSE A 78 5.40 0.25 -5.29
CB MSE A 78 5.66 -0.67 -8.07
CG MSE A 78 4.96 -2.01 -7.80
SE MSE A 78 5.91 -3.55 -8.52
CE MSE A 78 5.25 -3.38 -10.31
N ASN A 79 3.22 0.28 -5.85
CA ASN A 79 2.73 0.07 -4.50
C ASN A 79 1.72 -1.09 -4.53
N GLY A 80 1.89 -2.12 -3.70
CA GLY A 80 1.00 -3.26 -3.80
C GLY A 80 1.11 -4.19 -2.61
N THR A 81 0.30 -5.21 -2.63
CA THR A 81 0.19 -6.23 -1.57
C THR A 81 0.29 -7.59 -2.21
N PHE A 82 1.31 -8.36 -1.81
CA PHE A 82 1.37 -9.79 -2.06
C PHE A 82 0.56 -10.57 -1.03
N SER A 83 -0.08 -11.64 -1.47
CA SER A 83 -0.94 -12.44 -0.62
C SER A 83 -0.89 -13.90 -0.99
N ILE A 84 -0.89 -14.75 0.03
CA ILE A 84 -1.06 -16.17 -0.23
C ILE A 84 -1.81 -16.77 0.94
N GLY A 85 -2.61 -17.78 0.67
CA GLY A 85 -3.28 -18.53 1.73
C GLY A 85 -4.54 -17.99 2.34
N CYS A 86 -5.16 -16.95 1.80
CA CYS A 86 -6.32 -16.43 2.51
C CYS A 86 -7.38 -17.55 2.62
N PRO A 87 -7.95 -17.72 3.81
CA PRO A 87 -9.02 -18.70 4.03
C PRO A 87 -10.10 -18.64 2.95
N GLY A 88 -10.32 -19.76 2.26
CA GLY A 88 -11.41 -19.87 1.31
C GLY A 88 -11.10 -19.36 -0.09
N ASP A 89 -9.86 -18.93 -0.30
CA ASP A 89 -9.37 -18.51 -1.62
C ASP A 89 -9.82 -19.46 -2.77
N THR A 90 -10.25 -18.88 -3.89
CA THR A 90 -10.72 -19.68 -5.03
C THR A 90 -9.57 -20.47 -5.62
N GLN A 91 -9.89 -21.64 -6.18
CA GLN A 91 -8.92 -22.42 -6.95
C GLN A 91 -8.86 -21.87 -8.40
N GLY A 92 -9.81 -21.01 -8.76
CA GLY A 92 -9.86 -20.39 -10.06
C GLY A 92 -9.06 -19.10 -10.15
N ASP A 93 -9.26 -18.37 -11.24
CA ASP A 93 -8.51 -17.16 -11.51
C ASP A 93 -6.98 -17.35 -11.41
N THR A 94 -6.50 -18.40 -12.06
CA THR A 94 -5.07 -18.68 -12.27
C THR A 94 -4.89 -19.37 -13.59
N TYR A 95 -3.63 -19.61 -13.95
CA TYR A 95 -3.30 -20.54 -15.02
C TYR A 95 -2.52 -21.73 -14.44
N LEU A 96 -2.84 -22.93 -14.94
CA LEU A 96 -2.32 -24.19 -14.37
C LEU A 96 -0.82 -24.33 -14.54
N ASP A 100 6.92 -23.24 -15.02
CA ASP A 100 7.99 -23.29 -14.01
C ASP A 100 9.10 -22.24 -14.22
N LYS A 101 9.47 -21.96 -15.49
CA LYS A 101 10.53 -20.98 -15.73
C LYS A 101 10.05 -19.57 -15.44
N ARG A 102 10.99 -18.76 -14.97
CA ARG A 102 10.75 -17.36 -14.79
C ARG A 102 10.84 -16.75 -16.17
N VAL A 103 9.69 -16.57 -16.79
CA VAL A 103 9.62 -16.19 -18.19
C VAL A 103 10.18 -14.79 -18.56
N ASN A 104 10.28 -13.88 -17.60
CA ASN A 104 10.87 -12.57 -17.88
C ASN A 104 12.37 -12.45 -17.61
N GLU A 105 12.91 -13.42 -16.89
CA GLU A 105 14.26 -13.35 -16.29
C GLU A 105 15.26 -12.96 -17.33
N ASP A 106 15.15 -13.58 -18.48
CA ASP A 106 16.18 -13.44 -19.46
C ASP A 106 16.00 -12.10 -20.16
N ALA A 107 14.76 -11.76 -20.51
CA ALA A 107 14.43 -10.50 -21.16
C ALA A 107 14.82 -9.27 -20.35
N VAL A 108 14.76 -9.36 -19.03
CA VAL A 108 15.11 -8.19 -18.22
C VAL A 108 16.49 -8.27 -17.58
N ARG A 109 17.28 -9.28 -17.97
CA ARG A 109 18.54 -9.59 -17.27
C ARG A 109 19.53 -8.42 -17.35
N GLY A 110 19.42 -7.65 -18.42
CA GLY A 110 20.23 -6.47 -18.66
C GLY A 110 19.63 -5.16 -18.20
N LEU A 111 18.37 -5.16 -17.73
CA LEU A 111 17.78 -3.94 -17.16
C LEU A 111 18.17 -3.75 -15.70
N LYS A 112 18.28 -2.49 -15.33
CA LYS A 112 18.58 -2.12 -13.96
C LYS A 112 17.64 -0.99 -13.56
N ALA A 113 17.43 -0.84 -12.26
CA ALA A 113 16.61 0.23 -11.72
C ALA A 113 16.77 0.27 -10.22
N GLU A 114 17.05 1.45 -9.68
CA GLU A 114 17.06 1.65 -8.25
C GLU A 114 15.67 1.28 -7.71
N ALA A 115 15.66 0.60 -6.58
CA ALA A 115 14.42 0.17 -5.91
C ALA A 115 14.38 0.45 -4.41
N PRO A 116 14.61 1.70 -3.98
CA PRO A 116 14.37 2.02 -2.57
C PRO A 116 12.93 1.63 -2.23
N CYS A 117 12.71 0.97 -1.10
CA CYS A 117 11.43 0.34 -0.80
C CYS A 117 11.09 0.40 0.67
N GLN A 118 9.82 0.69 1.00
CA GLN A 118 9.25 0.41 2.30
C GLN A 118 8.32 -0.77 2.22
N PHE A 119 8.49 -1.73 3.10
CA PHE A 119 7.68 -2.95 3.07
C PHE A 119 7.24 -3.35 4.48
N ALA A 120 6.14 -4.08 4.56
CA ALA A 120 5.57 -4.55 5.81
C ALA A 120 5.03 -5.96 5.62
N LEU A 121 5.40 -6.87 6.54
CA LEU A 121 4.94 -8.24 6.51
C LEU A 121 3.86 -8.45 7.56
N TYR A 122 2.77 -9.11 7.15
CA TYR A 122 1.61 -9.36 7.94
C TYR A 122 1.23 -10.85 7.94
N PRO A 123 1.87 -11.63 8.82
CA PRO A 123 1.51 -13.03 9.01
C PRO A 123 0.22 -13.15 9.85
N MSE A 124 -0.83 -13.71 9.26
CA MSE A 124 -2.14 -13.64 9.83
C MSE A 124 -2.35 -14.81 10.82
O MSE A 124 -1.79 -15.90 10.66
CB MSE A 124 -3.23 -13.61 8.76
CG MSE A 124 -2.97 -12.49 7.67
SE MSE A 124 -2.83 -10.75 8.52
CE MSE A 124 -4.57 -10.66 9.15
N ASN A 125 -3.14 -14.52 11.84
CA ASN A 125 -3.50 -15.49 12.87
C ASN A 125 -2.28 -16.28 13.28
N GLU A 126 -1.27 -15.54 13.70
CA GLU A 126 0.05 -16.09 13.97
C GLU A 126 0.64 -15.47 15.23
N PRO A 127 0.57 -16.21 16.35
CA PRO A 127 1.10 -15.72 17.63
C PRO A 127 2.56 -15.33 17.61
N ASP A 128 3.35 -15.95 16.76
CA ASP A 128 4.74 -15.58 16.61
C ASP A 128 5.10 -14.57 15.51
N TYR A 129 4.15 -13.73 15.13
CA TYR A 129 4.35 -12.85 13.98
C TYR A 129 5.48 -11.85 14.12
N MSE A 130 5.67 -11.29 15.31
CA MSE A 130 6.76 -10.34 15.51
C MSE A 130 8.13 -11.03 15.30
O MSE A 130 9.08 -10.40 14.85
CB MSE A 130 6.66 -9.69 16.90
CG MSE A 130 5.42 -8.83 17.13
SE MSE A 130 5.36 -7.33 15.85
CE MSE A 130 6.72 -6.19 16.71
N GLY A 131 8.21 -12.33 15.63
CA GLY A 131 9.40 -13.12 15.35
C GLY A 131 9.64 -13.32 13.86
N LEU A 132 8.59 -13.59 13.09
CA LEU A 132 8.74 -13.71 11.63
C LEU A 132 9.20 -12.40 11.01
N ILE A 133 8.66 -11.29 11.51
CA ILE A 133 9.08 -9.99 11.05
C ILE A 133 10.55 -9.73 11.34
N MSE A 134 11.01 -10.14 12.52
CA MSE A 134 12.46 -10.05 12.83
C MSE A 134 13.31 -10.92 11.91
O MSE A 134 14.39 -10.52 11.52
CB MSE A 134 12.72 -10.46 14.29
CG MSE A 134 13.80 -9.66 14.95
SE MSE A 134 13.88 -10.11 16.89
CE MSE A 134 11.87 -10.11 17.38
N GLU A 135 12.83 -12.11 11.58
CA GLU A 135 13.45 -13.01 10.59
C GLU A 135 13.53 -12.29 9.23
N ALA A 136 12.51 -11.48 8.91
CA ALA A 136 12.49 -10.75 7.64
C ALA A 136 13.58 -9.71 7.58
N VAL A 137 13.76 -8.99 8.67
CA VAL A 137 14.82 -8.01 8.78
C VAL A 137 16.17 -8.74 8.63
N ASP A 138 16.33 -9.88 9.30
CA ASP A 138 17.58 -10.66 9.24
C ASP A 138 17.92 -11.06 7.79
N ILE A 139 16.95 -11.54 7.01
CA ILE A 139 17.15 -11.86 5.60
C ILE A 139 17.63 -10.64 4.79
N ALA A 140 16.98 -9.49 4.96
CA ALA A 140 17.39 -8.30 4.23
C ALA A 140 18.82 -7.88 4.60
N LYS A 141 19.21 -8.07 5.85
CA LYS A 141 20.58 -7.72 6.26
C LYS A 141 21.55 -8.71 5.65
N ALA A 142 21.20 -10.00 5.74
CA ALA A 142 21.99 -11.09 5.15
C ALA A 142 22.23 -10.89 3.67
N GLN A 143 21.25 -10.32 2.94
CA GLN A 143 21.40 -10.04 1.51
C GLN A 143 21.89 -8.66 1.19
N GLY A 144 22.11 -7.85 2.21
CA GLY A 144 22.68 -6.54 1.99
C GLY A 144 21.75 -5.47 1.47
N THR A 145 20.43 -5.70 1.60
CA THR A 145 19.45 -4.69 1.12
C THR A 145 18.82 -3.86 2.24
N PHE A 146 18.92 -4.33 3.49
CA PHE A 146 18.35 -3.59 4.62
C PHE A 146 18.99 -2.23 4.81
N VAL A 147 18.15 -1.23 5.07
CA VAL A 147 18.63 0.11 5.39
C VAL A 147 18.32 0.41 6.87
N GLN A 148 17.03 0.37 7.26
CA GLN A 148 16.63 0.76 8.60
C GLN A 148 15.19 0.39 8.84
N GLY A 149 14.80 0.26 10.11
CA GLY A 149 13.39 0.23 10.50
C GLY A 149 12.80 1.64 10.62
N VAL A 150 11.53 1.79 10.22
CA VAL A 150 10.78 3.02 10.41
C VAL A 150 9.43 2.69 11.06
N HIS A 151 8.64 3.68 11.44
CA HIS A 151 7.31 3.38 12.00
C HIS A 151 6.54 2.60 10.94
N TYR A 152 6.10 1.39 11.29
CA TYR A 152 5.14 0.58 10.51
C TYR A 152 5.72 -0.13 9.29
N ALA A 153 7.06 -0.11 9.12
CA ALA A 153 7.67 -0.70 7.92
C ALA A 153 9.17 -0.81 8.09
N SER A 154 9.76 -1.63 7.25
CA SER A 154 11.21 -1.68 7.04
C SER A 154 11.60 -1.07 5.71
N GLU A 155 12.80 -0.49 5.65
CA GLU A 155 13.32 0.09 4.43
C GLU A 155 14.44 -0.75 3.86
N LEU A 156 14.36 -0.89 2.56
CA LEU A 156 15.34 -1.59 1.73
C LEU A 156 15.87 -0.64 0.69
N ASP A 157 17.06 -0.97 0.17
CA ASP A 157 17.57 -0.23 -0.97
C ASP A 157 18.52 -1.11 -1.78
N GLY A 158 18.74 -0.71 -3.01
CA GLY A 158 19.56 -1.46 -3.95
C GLY A 158 18.92 -1.44 -5.33
N ASP A 159 19.52 -2.19 -6.23
CA ASP A 159 18.95 -2.41 -7.56
C ASP A 159 17.73 -3.30 -7.44
N ALA A 160 16.79 -3.15 -8.35
CA ALA A 160 15.56 -3.97 -8.33
C ALA A 160 15.78 -5.48 -8.29
N HIS A 161 16.79 -6.01 -8.99
CA HIS A 161 17.00 -7.44 -8.94
C HIS A 161 17.31 -7.91 -7.53
N ASP A 162 18.12 -7.15 -6.80
CA ASP A 162 18.43 -7.44 -5.41
C ASP A 162 17.25 -7.27 -4.44
N VAL A 163 16.52 -6.18 -4.60
CA VAL A 163 15.36 -5.87 -3.73
C VAL A 163 14.22 -6.88 -3.93
N PHE A 164 13.85 -7.19 -5.18
CA PHE A 164 12.83 -8.19 -5.41
C PHE A 164 13.27 -9.56 -4.92
N SER A 165 14.58 -9.84 -4.98
CA SER A 165 15.07 -11.09 -4.45
C SER A 165 14.85 -11.16 -2.91
N THR A 166 15.16 -10.10 -2.19
CA THR A 166 14.92 -10.02 -0.75
C THR A 166 13.43 -10.17 -0.46
N LEU A 167 12.61 -9.48 -1.23
CA LEU A 167 11.16 -9.50 -0.95
C LEU A 167 10.59 -10.89 -1.12
N GLU A 168 11.00 -11.59 -2.19
CA GLU A 168 10.53 -12.96 -2.41
C GLU A 168 11.00 -13.92 -1.31
N ALA A 169 12.25 -13.80 -0.90
CA ALA A 169 12.79 -14.62 0.21
C ALA A 169 12.04 -14.46 1.53
N VAL A 170 11.75 -13.22 1.88
CA VAL A 170 10.92 -12.89 3.05
C VAL A 170 9.56 -13.54 2.93
N PHE A 171 8.94 -13.38 1.77
CA PHE A 171 7.62 -13.90 1.53
C PHE A 171 7.60 -15.44 1.66
N ARG A 172 8.63 -16.10 1.11
CA ARG A 172 8.68 -17.57 1.14
C ARG A 172 8.96 -18.05 2.56
N MSE A 173 9.82 -17.34 3.27
CA MSE A 173 10.11 -17.66 4.68
C MSE A 173 8.82 -17.65 5.51
O MSE A 173 8.55 -18.57 6.28
CB MSE A 173 11.17 -16.71 5.23
CG MSE A 173 11.48 -16.82 6.75
SE MSE A 173 10.22 -15.93 7.92
CE MSE A 173 10.48 -14.09 7.30
N ALA A 174 7.99 -16.62 5.31
CA ALA A 174 6.76 -16.49 6.08
C ALA A 174 5.73 -17.50 5.66
N GLU A 175 5.58 -17.73 4.35
CA GLU A 175 4.52 -18.61 3.89
C GLU A 175 4.79 -20.08 4.21
N GLN A 176 6.07 -20.43 4.43
CA GLN A 176 6.45 -21.75 4.91
C GLN A 176 6.07 -21.94 6.39
N GLN A 177 5.97 -20.84 7.14
CA GLN A 177 5.66 -20.90 8.57
C GLN A 177 4.20 -20.65 8.92
N THR A 178 3.46 -19.93 8.08
CA THR A 178 2.07 -19.58 8.39
C THR A 178 1.16 -19.55 7.15
N ASN A 179 -0.08 -19.96 7.36
CA ASN A 179 -0.98 -20.33 6.27
C ASN A 179 -1.32 -19.12 5.39
N HIS A 180 -1.71 -18.01 6.02
CA HIS A 180 -2.16 -16.80 5.32
C HIS A 180 -1.17 -15.69 5.66
N ILE A 181 -0.45 -15.18 4.66
CA ILE A 181 0.33 -13.98 4.85
C ILE A 181 0.03 -12.93 3.76
N THR A 182 0.24 -11.67 4.15
CA THR A 182 0.31 -10.59 3.18
C THR A 182 1.56 -9.78 3.43
N MSE A 183 1.94 -9.02 2.41
CA MSE A 183 3.15 -8.23 2.46
C MSE A 183 2.98 -7.02 1.54
O MSE A 183 2.84 -7.19 0.36
CB MSE A 183 4.34 -9.09 2.07
CG MSE A 183 5.64 -8.44 2.34
SE MSE A 183 7.21 -9.42 1.74
CE MSE A 183 6.83 -9.38 -0.23
N THR A 184 2.98 -5.82 2.11
CA THR A 184 2.90 -4.58 1.32
C THR A 184 4.27 -4.11 0.90
N VAL A 185 4.37 -3.49 -0.30
CA VAL A 185 5.60 -2.98 -0.84
C VAL A 185 5.32 -1.60 -1.47
N ASN A 186 6.29 -0.71 -1.38
CA ASN A 186 6.20 0.66 -1.95
C ASN A 186 7.61 0.96 -2.48
N LEU A 187 7.77 0.86 -3.82
CA LEU A 187 9.07 0.92 -4.50
C LEU A 187 9.10 2.15 -5.35
N SER A 188 10.14 2.97 -5.24
CA SER A 188 10.19 4.27 -5.88
C SER A 188 11.39 4.37 -6.83
N ALA A 189 11.12 4.60 -8.10
CA ALA A 189 12.17 4.74 -9.13
C ALA A 189 12.28 6.16 -9.63
N ASN A 190 13.51 6.64 -9.81
CA ASN A 190 13.72 7.92 -10.49
C ASN A 190 13.15 9.13 -9.76
N SER A 191 13.13 9.07 -8.44
CA SER A 191 12.68 10.18 -7.61
C SER A 191 13.59 11.38 -7.88
N PRO A 192 13.06 12.58 -8.09
CA PRO A 192 13.93 13.71 -8.45
C PRO A 192 14.79 14.17 -7.28
N SER A 193 14.44 13.78 -6.07
CA SER A 193 15.23 14.11 -4.90
C SER A 193 16.40 13.11 -4.69
N ARG A 194 16.48 12.04 -5.47
CA ARG A 194 17.59 11.08 -5.33
C ARG A 194 18.86 11.60 -5.97
N LYS A 195 19.96 11.54 -5.22
CA LYS A 195 21.29 11.90 -5.72
C LYS A 195 21.86 10.75 -6.57
N ASN A 196 22.20 11.05 -7.83
CA ASN A 196 22.84 10.12 -8.74
C ASN A 196 24.30 10.51 -8.93
N ARG A 197 25.17 9.52 -9.13
CA ARG A 197 26.58 9.78 -9.45
C ARG A 197 26.78 10.16 -10.93
N ARG B 9 -1.54 4.28 23.45
CA ARG B 9 -2.31 3.69 22.28
C ARG B 9 -2.41 4.69 21.14
N ILE B 10 -1.27 4.95 20.58
CA ILE B 10 -1.10 5.96 19.54
C ILE B 10 -1.48 5.35 18.20
N ALA B 11 -2.19 6.11 17.37
CA ALA B 11 -2.60 5.67 16.02
C ALA B 11 -1.59 6.24 15.06
N GLY B 12 -1.38 5.55 13.95
CA GLY B 12 -0.51 6.07 12.89
C GLY B 12 -1.09 5.85 11.52
N PHE B 13 -0.59 6.64 10.56
CA PHE B 13 -0.91 6.47 9.16
C PHE B 13 0.34 6.81 8.38
N ARG B 14 0.87 5.82 7.70
CA ARG B 14 1.97 5.98 6.73
C ARG B 14 1.36 5.96 5.35
N PHE B 15 1.50 7.04 4.59
CA PHE B 15 0.85 7.15 3.32
C PHE B 15 1.74 7.87 2.31
N SER B 16 1.41 7.67 1.06
CA SER B 16 2.02 8.37 -0.03
C SER B 16 0.91 9.02 -0.84
N LEU B 17 1.24 10.18 -1.43
CA LEU B 17 0.36 10.89 -2.32
C LEU B 17 1.00 10.85 -3.70
N TYR B 18 0.22 10.43 -4.70
CA TYR B 18 0.70 10.26 -6.06
C TYR B 18 -0.04 11.14 -7.04
N PRO B 19 0.56 12.29 -7.45
CA PRO B 19 -0.09 13.12 -8.46
C PRO B 19 0.37 12.73 -9.86
N MSE B 20 -0.58 12.33 -10.70
CA MSE B 20 -0.28 11.85 -12.05
C MSE B 20 -0.23 13.10 -13.00
O MSE B 20 -1.14 13.37 -13.83
CB MSE B 20 -1.30 10.84 -12.51
CG MSE B 20 -0.82 9.43 -12.36
SE MSE B 20 -0.33 8.93 -10.56
CE MSE B 20 -2.11 8.93 -9.73
N THR B 21 0.86 13.82 -12.84
CA THR B 21 1.07 15.15 -13.42
C THR B 21 2.53 15.59 -13.29
N ASP B 22 3.01 16.33 -14.30
CA ASP B 22 4.33 16.92 -14.25
C ASP B 22 4.49 17.85 -13.02
N ASP B 23 3.39 18.45 -12.58
CA ASP B 23 3.36 19.36 -11.41
C ASP B 23 3.30 18.62 -10.06
N PHE B 24 3.77 17.38 -9.98
CA PHE B 24 3.59 16.59 -8.76
C PHE B 24 4.24 17.16 -7.52
N ILE B 25 5.45 17.73 -7.63
CA ILE B 25 6.12 18.27 -6.45
C ILE B 25 5.24 19.34 -5.76
N SER B 26 4.69 20.25 -6.53
CA SER B 26 3.86 21.34 -6.05
C SER B 26 2.53 20.84 -5.47
N VAL B 27 1.91 19.84 -6.13
CA VAL B 27 0.69 19.28 -5.66
C VAL B 27 0.84 18.68 -4.26
N ILE B 28 1.90 17.92 -4.03
CA ILE B 28 2.14 17.24 -2.72
C ILE B 28 2.42 18.31 -1.65
N LYS B 29 3.35 19.20 -1.98
CA LYS B 29 3.72 20.28 -1.06
C LYS B 29 2.52 21.08 -0.64
N SER B 30 1.67 21.45 -1.60
CA SER B 30 0.50 22.24 -1.31
C SER B 30 -0.49 21.48 -0.42
N ALA B 31 -0.78 20.22 -0.71
CA ALA B 31 -1.76 19.47 0.07
C ALA B 31 -1.37 19.35 1.53
N LEU B 32 -0.09 19.03 1.78
CA LEU B 32 0.44 18.96 3.15
C LEU B 32 0.43 20.31 3.84
N ALA B 33 0.85 21.39 3.14
CA ALA B 33 0.86 22.74 3.70
C ALA B 33 -0.52 23.32 3.99
N ALA B 34 -1.51 23.00 3.15
CA ALA B 34 -2.87 23.55 3.25
C ALA B 34 -3.58 22.97 4.45
N THR B 35 -3.22 21.73 4.81
CA THR B 35 -3.78 21.00 5.95
C THR B 35 -3.27 21.55 7.30
N ASP B 36 -4.18 21.61 8.27
CA ASP B 36 -3.82 21.86 9.67
C ASP B 36 -3.22 20.58 10.24
N THR B 37 -1.89 20.53 10.30
CA THR B 37 -1.18 19.35 10.77
C THR B 37 -0.68 19.51 12.22
N SER B 38 -1.29 20.44 12.96
CA SER B 38 -0.82 20.80 14.30
C SER B 38 -1.10 19.75 15.34
N LYS B 39 -2.05 18.86 15.05
CA LYS B 39 -2.41 17.84 16.03
C LYS B 39 -1.80 16.43 15.80
N VAL B 40 -0.96 16.30 14.80
CA VAL B 40 -0.28 15.05 14.51
C VAL B 40 1.21 15.32 14.42
N TRP B 41 1.98 14.36 14.91
CA TRP B 41 3.42 14.30 14.67
C TRP B 41 3.63 13.76 13.26
N THR B 42 4.52 14.42 12.51
CA THR B 42 4.72 14.07 11.10
C THR B 42 6.19 13.87 10.76
N LYS B 43 6.47 12.92 9.88
CA LYS B 43 7.80 12.74 9.30
C LYS B 43 7.66 12.34 7.85
N THR B 44 8.27 13.12 6.95
CA THR B 44 8.24 12.87 5.53
C THR B 44 9.63 12.43 5.09
N ASP B 45 9.64 11.42 4.24
CA ASP B 45 10.85 10.96 3.56
C ASP B 45 10.55 10.88 2.09
N HIS B 46 11.45 10.32 1.29
CA HIS B 46 11.29 10.40 -0.16
C HIS B 46 10.28 9.38 -0.69
N ILE B 47 9.78 8.50 0.15
CA ILE B 47 8.77 7.52 -0.28
C ILE B 47 7.37 7.82 0.31
N SER B 48 7.34 8.20 1.57
CA SER B 48 6.06 8.37 2.28
C SER B 48 6.15 9.37 3.44
N THR B 49 4.99 9.65 4.02
CA THR B 49 4.85 10.50 5.20
C THR B 49 4.13 9.68 6.24
N VAL B 50 4.58 9.78 7.49
CA VAL B 50 3.87 9.18 8.61
C VAL B 50 3.26 10.25 9.51
N LEU B 51 2.03 10.02 9.95
CA LEU B 51 1.28 10.87 10.89
C LEU B 51 1.05 9.99 12.11
N ARG B 52 1.24 10.55 13.32
CA ARG B 52 0.97 9.82 14.58
C ARG B 52 0.20 10.71 15.53
N GLY B 53 -0.78 10.13 16.20
CA GLY B 53 -1.58 10.86 17.16
C GLY B 53 -2.82 10.07 17.55
N SER B 54 -3.84 10.76 18.03
CA SER B 54 -5.10 10.08 18.37
C SER B 54 -5.74 9.60 17.07
N ILE B 55 -6.65 8.64 17.17
CA ILE B 55 -7.41 8.19 16.00
C ILE B 55 -8.10 9.37 15.37
N ASP B 56 -8.74 10.20 16.19
CA ASP B 56 -9.45 11.36 15.71
C ASP B 56 -8.58 12.25 14.86
N HIS B 57 -7.41 12.62 15.39
CA HIS B 57 -6.56 13.61 14.69
C HIS B 57 -5.90 12.99 13.46
N VAL B 58 -5.56 11.71 13.52
CA VAL B 58 -4.97 11.04 12.34
C VAL B 58 -5.95 10.95 11.18
N PHE B 59 -7.18 10.51 11.46
CA PHE B 59 -8.21 10.48 10.39
C PHE B 59 -8.63 11.86 9.90
N ASP B 60 -8.67 12.84 10.78
CA ASP B 60 -8.99 14.23 10.39
C ASP B 60 -7.91 14.77 9.45
N ALA B 61 -6.64 14.54 9.77
CA ALA B 61 -5.51 15.00 8.91
C ALA B 61 -5.52 14.26 7.56
N ALA B 62 -5.74 12.95 7.60
CA ALA B 62 -5.76 12.13 6.38
C ALA B 62 -6.83 12.57 5.40
N LYS B 63 -8.05 12.79 5.91
CA LYS B 63 -9.12 13.27 5.02
C LYS B 63 -8.82 14.64 4.43
N ALA B 64 -8.33 15.56 5.25
CA ALA B 64 -8.03 16.91 4.76
C ALA B 64 -6.97 16.88 3.66
N ILE B 65 -5.90 16.10 3.87
CA ILE B 65 -4.84 15.99 2.86
C ILE B 65 -5.43 15.49 1.52
N TYR B 66 -6.25 14.45 1.56
CA TYR B 66 -6.95 13.96 0.39
C TYR B 66 -7.80 15.03 -0.31
N LEU B 67 -8.60 15.76 0.45
CA LEU B 67 -9.52 16.76 -0.10
C LEU B 67 -8.74 17.90 -0.75
N HIS B 68 -7.67 18.38 -0.09
CA HIS B 68 -6.84 19.44 -0.70
C HIS B 68 -6.17 18.95 -1.99
N ALA B 69 -5.62 17.73 -1.95
CA ALA B 69 -5.00 17.16 -3.14
C ALA B 69 -6.01 17.01 -4.27
N ALA B 70 -7.17 16.44 -3.97
CA ALA B 70 -8.24 16.24 -4.97
C ALA B 70 -8.70 17.56 -5.59
N ASN B 71 -8.71 18.61 -4.80
CA ASN B 71 -9.19 19.91 -5.24
C ASN B 71 -8.14 20.69 -6.03
N SER B 72 -6.96 20.08 -6.21
CA SER B 72 -6.02 20.50 -7.27
C SER B 72 -6.58 20.26 -8.68
N GLU B 73 -7.61 19.43 -8.78
CA GLU B 73 -8.20 18.97 -10.04
C GLU B 73 -7.32 17.99 -10.86
N GLN B 74 -6.11 17.70 -10.38
CA GLN B 74 -5.27 16.69 -11.01
C GLN B 74 -5.75 15.30 -10.56
N HIS B 75 -5.45 14.29 -11.37
CA HIS B 75 -5.57 12.90 -10.94
C HIS B 75 -4.53 12.62 -9.83
N ILE B 76 -5.04 12.30 -8.64
CA ILE B 76 -4.18 12.00 -7.49
C ILE B 76 -4.68 10.77 -6.79
N VAL B 77 -3.76 10.03 -6.20
CA VAL B 77 -4.13 8.88 -5.40
C VAL B 77 -3.49 9.00 -4.02
N MSE B 78 -4.21 8.58 -2.95
CA MSE B 78 -3.63 8.41 -1.64
C MSE B 78 -3.61 6.94 -1.33
O MSE B 78 -4.65 6.29 -1.42
CB MSE B 78 -4.48 9.17 -0.60
CG MSE B 78 -4.10 8.82 0.85
SE MSE B 78 -5.17 9.78 2.17
CE MSE B 78 -4.19 11.44 2.02
N ASN B 79 -2.44 6.41 -0.96
CA ASN B 79 -2.27 4.99 -0.68
C ASN B 79 -1.52 4.92 0.62
N GLY B 80 -2.09 4.27 1.62
CA GLY B 80 -1.46 4.25 2.90
C GLY B 80 -1.91 3.12 3.78
N THR B 81 -1.32 3.10 4.95
CA THR B 81 -1.61 2.07 5.97
C THR B 81 -1.85 2.75 7.32
N PHE B 82 -3.04 2.54 7.89
CA PHE B 82 -3.34 2.93 9.26
C PHE B 82 -2.91 1.79 10.21
N SER B 83 -2.37 2.13 11.38
CA SER B 83 -1.88 1.14 12.37
C SER B 83 -2.13 1.63 13.80
N ILE B 84 -2.47 0.69 14.67
CA ILE B 84 -2.58 0.99 16.09
C ILE B 84 -2.28 -0.30 16.84
N GLY B 85 -1.68 -0.17 18.02
CA GLY B 85 -1.41 -1.34 18.86
C GLY B 85 -0.13 -2.14 18.63
N CYS B 86 0.77 -1.67 17.79
CA CYS B 86 1.89 -2.53 17.41
C CYS B 86 2.72 -2.83 18.68
N PRO B 87 3.06 -4.10 18.91
CA PRO B 87 3.87 -4.45 20.09
C PRO B 87 5.17 -3.65 20.19
N GLY B 88 5.39 -3.02 21.34
CA GLY B 88 6.58 -2.23 21.56
C GLY B 88 6.51 -0.80 21.04
N ASP B 89 5.38 -0.41 20.47
CA ASP B 89 5.22 0.95 19.96
C ASP B 89 5.76 1.99 20.95
N THR B 90 6.63 2.88 20.48
CA THR B 90 7.13 3.97 21.34
C THR B 90 6.01 4.90 21.85
N GLN B 91 6.26 5.52 23.01
CA GLN B 91 5.35 6.53 23.58
C GLN B 91 5.65 7.92 23.00
N GLY B 92 6.74 8.03 22.26
CA GLY B 92 7.16 9.28 21.68
C GLY B 92 6.70 9.42 20.25
N ASP B 93 7.28 10.38 19.56
CA ASP B 93 6.83 10.74 18.23
C ASP B 93 5.29 10.92 18.16
N THR B 94 4.73 11.59 19.17
CA THR B 94 3.36 12.12 19.12
C THR B 94 3.36 13.56 19.59
N TYR B 95 2.48 14.37 19.01
CA TYR B 95 1.97 15.58 19.67
C TYR B 95 0.69 16.07 19.03
N ASP B 100 -9.89 14.79 20.62
CA ASP B 100 -10.58 16.07 20.73
C ASP B 100 -11.02 16.58 19.33
N LYS B 101 -10.94 17.91 19.18
CA LYS B 101 -11.44 18.64 18.04
C LYS B 101 -10.75 18.24 16.75
N ARG B 102 -11.58 17.98 15.78
CA ARG B 102 -11.13 17.69 14.43
C ARG B 102 -10.82 19.02 13.80
N VAL B 103 -9.55 19.39 13.90
CA VAL B 103 -9.13 20.75 13.55
C VAL B 103 -9.29 21.14 12.08
N ASN B 104 -9.39 20.17 11.19
CA ASN B 104 -9.65 20.48 9.79
C ASN B 104 -11.10 20.54 9.34
N GLU B 105 -12.02 20.01 10.15
CA GLU B 105 -13.39 19.71 9.67
C GLU B 105 -14.13 20.94 9.11
N ASP B 106 -13.99 22.06 9.79
CA ASP B 106 -14.68 23.26 9.38
C ASP B 106 -14.08 23.77 8.11
N ALA B 107 -12.75 23.84 8.07
CA ALA B 107 -11.99 24.35 6.92
C ALA B 107 -12.25 23.60 5.60
N VAL B 108 -12.51 22.31 5.70
CA VAL B 108 -12.78 21.50 4.53
C VAL B 108 -14.27 21.12 4.35
N ARG B 109 -15.14 21.72 5.16
CA ARG B 109 -16.55 21.33 5.20
C ARG B 109 -17.23 21.54 3.83
N GLY B 110 -16.75 22.51 3.07
CA GLY B 110 -17.30 22.78 1.75
C GLY B 110 -16.54 22.13 0.60
N LEU B 111 -15.47 21.39 0.91
CA LEU B 111 -14.76 20.64 -0.11
C LEU B 111 -15.41 19.28 -0.28
N LYS B 112 -15.39 18.81 -1.50
CA LYS B 112 -15.83 17.48 -1.82
C LYS B 112 -14.85 16.85 -2.76
N ALA B 113 -14.84 15.53 -2.79
CA ALA B 113 -14.10 14.79 -3.79
C ALA B 113 -14.62 13.40 -3.77
N GLU B 114 -14.80 12.79 -4.94
CA GLU B 114 -15.18 11.40 -4.95
C GLU B 114 -13.97 10.62 -4.44
N ALA B 115 -14.25 9.51 -3.76
CA ALA B 115 -13.22 8.68 -3.13
C ALA B 115 -13.43 7.18 -3.34
N PRO B 116 -13.47 6.71 -4.59
CA PRO B 116 -13.47 5.27 -4.82
C PRO B 116 -12.22 4.71 -4.20
N CYS B 117 -12.36 3.56 -3.54
CA CYS B 117 -11.33 3.09 -2.60
C CYS B 117 -11.27 1.57 -2.59
N GLN B 118 -10.05 1.01 -2.56
CA GLN B 118 -9.82 -0.35 -2.23
C GLN B 118 -9.13 -0.42 -0.87
N PHE B 119 -9.63 -1.24 0.05
CA PHE B 119 -9.06 -1.29 1.40
C PHE B 119 -9.02 -2.73 1.88
N ALA B 120 -8.15 -2.98 2.83
CA ALA B 120 -7.96 -4.29 3.41
C ALA B 120 -7.67 -4.13 4.90
N LEU B 121 -8.40 -4.91 5.72
CA LEU B 121 -8.22 -4.89 7.18
C LEU B 121 -7.39 -6.09 7.62
N TYR B 122 -6.41 -5.86 8.51
CA TYR B 122 -5.43 -6.85 8.96
C TYR B 122 -5.38 -6.85 10.50
N PRO B 123 -6.30 -7.58 11.14
CA PRO B 123 -6.25 -7.77 12.61
C PRO B 123 -5.22 -8.83 12.95
N MSE B 124 -4.20 -8.44 13.72
CA MSE B 124 -3.00 -9.25 13.89
C MSE B 124 -3.22 -10.14 15.10
O MSE B 124 -3.88 -9.72 16.02
CB MSE B 124 -1.77 -8.37 14.10
CG MSE B 124 -1.53 -7.37 12.95
SE MSE B 124 -1.57 -8.25 11.17
CE MSE B 124 0.06 -9.33 11.47
N ASN B 125 -2.68 -11.35 15.04
CA ASN B 125 -2.79 -12.39 16.10
C ASN B 125 -4.20 -12.54 16.64
N GLU B 126 -5.14 -12.72 15.72
CA GLU B 126 -6.54 -12.73 16.02
C GLU B 126 -7.17 -13.92 15.31
N PRO B 127 -7.50 -14.99 16.06
CA PRO B 127 -8.15 -16.14 15.43
C PRO B 127 -9.45 -15.82 14.70
N ASP B 128 -10.19 -14.83 15.17
CA ASP B 128 -11.45 -14.49 14.55
C ASP B 128 -11.32 -13.33 13.54
N TYR B 129 -10.14 -13.21 12.95
CA TYR B 129 -9.92 -12.11 11.98
C TYR B 129 -10.87 -12.09 10.80
N MSE B 130 -11.23 -13.23 10.24
CA MSE B 130 -12.18 -13.25 9.14
C MSE B 130 -13.55 -12.69 9.53
O MSE B 130 -14.23 -12.06 8.71
CB MSE B 130 -12.27 -14.66 8.52
CG MSE B 130 -10.92 -15.15 7.93
SE MSE B 130 -10.24 -14.01 6.44
CE MSE B 130 -11.54 -14.55 5.11
N GLY B 131 -13.93 -12.89 10.78
CA GLY B 131 -15.17 -12.33 11.31
C GLY B 131 -15.14 -10.83 11.45
N LEU B 132 -14.02 -10.30 11.92
CA LEU B 132 -13.83 -8.85 12.00
C LEU B 132 -13.91 -8.27 10.59
N ILE B 133 -13.30 -8.97 9.63
CA ILE B 133 -13.37 -8.52 8.25
C ILE B 133 -14.81 -8.52 7.71
N MSE B 134 -15.59 -9.53 8.06
CA MSE B 134 -16.98 -9.58 7.64
C MSE B 134 -17.78 -8.45 8.30
O MSE B 134 -18.61 -7.81 7.64
CB MSE B 134 -17.59 -10.96 7.97
CG MSE B 134 -19.10 -10.93 7.93
SE MSE B 134 -19.85 -12.75 7.84
CE MSE B 134 -18.13 -13.89 7.43
N GLU B 135 -17.52 -8.17 9.57
CA GLU B 135 -18.15 -7.03 10.24
C GLU B 135 -17.78 -5.70 9.54
N ALA B 136 -16.53 -5.56 9.11
CA ALA B 136 -16.13 -4.37 8.34
C ALA B 136 -17.00 -4.18 7.12
N VAL B 137 -17.20 -5.27 6.37
CA VAL B 137 -18.05 -5.23 5.18
C VAL B 137 -19.48 -4.86 5.57
N ASP B 138 -19.98 -5.43 6.67
CA ASP B 138 -21.33 -5.10 7.13
C ASP B 138 -21.49 -3.63 7.48
N ILE B 139 -20.47 -3.01 8.09
CA ILE B 139 -20.49 -1.60 8.38
C ILE B 139 -20.54 -0.82 7.09
N ALA B 140 -19.71 -1.17 6.12
CA ALA B 140 -19.74 -0.45 4.84
C ALA B 140 -21.10 -0.59 4.15
N LYS B 141 -21.71 -1.77 4.25
CA LYS B 141 -23.03 -1.97 3.62
C LYS B 141 -24.09 -1.08 4.28
N ALA B 142 -24.08 -1.07 5.60
CA ALA B 142 -25.03 -0.25 6.37
C ALA B 142 -24.87 1.23 6.10
N GLN B 143 -23.64 1.69 5.88
CA GLN B 143 -23.39 3.09 5.66
C GLN B 143 -23.55 3.48 4.22
N GLY B 144 -23.74 2.51 3.33
CA GLY B 144 -24.05 2.85 1.95
C GLY B 144 -22.82 3.02 1.07
N THR B 145 -21.64 2.67 1.58
CA THR B 145 -20.40 2.93 0.81
C THR B 145 -19.84 1.69 0.15
N PHE B 146 -20.29 0.51 0.54
CA PHE B 146 -19.78 -0.76 0.01
C PHE B 146 -20.15 -0.94 -1.45
N VAL B 147 -19.18 -1.34 -2.26
CA VAL B 147 -19.44 -1.65 -3.67
C VAL B 147 -19.47 -3.14 -3.88
N GLN B 148 -18.32 -3.78 -3.64
CA GLN B 148 -18.12 -5.21 -3.79
C GLN B 148 -16.83 -5.71 -3.17
N GLY B 149 -16.72 -7.01 -3.04
CA GLY B 149 -15.45 -7.65 -2.74
C GLY B 149 -14.67 -7.92 -4.02
N VAL B 150 -13.34 -7.80 -3.95
CA VAL B 150 -12.41 -8.22 -5.01
C VAL B 150 -11.31 -9.08 -4.38
N HIS B 151 -10.45 -9.69 -5.20
CA HIS B 151 -9.32 -10.43 -4.62
C HIS B 151 -8.51 -9.53 -3.71
N TYR B 152 -8.36 -9.93 -2.45
CA TYR B 152 -7.45 -9.28 -1.47
C TYR B 152 -7.91 -7.92 -0.93
N ALA B 153 -9.12 -7.49 -1.26
CA ALA B 153 -9.61 -6.18 -0.80
C ALA B 153 -11.13 -6.02 -0.97
N SER B 154 -11.68 -5.06 -0.28
CA SER B 154 -13.05 -4.61 -0.51
C SER B 154 -13.04 -3.27 -1.17
N GLU B 155 -14.10 -2.98 -1.92
CA GLU B 155 -14.23 -1.69 -2.60
C GLU B 155 -15.33 -0.81 -1.99
N LEU B 156 -15.01 0.46 -1.76
CA LEU B 156 -15.92 1.53 -1.32
C LEU B 156 -16.06 2.58 -2.41
N ASP B 157 -17.15 3.37 -2.39
CA ASP B 157 -17.27 4.55 -3.22
C ASP B 157 -18.20 5.56 -2.58
N GLY B 158 -18.16 6.78 -3.07
CA GLY B 158 -18.91 7.89 -2.52
C GLY B 158 -18.03 9.09 -2.36
N ASP B 159 -18.56 10.13 -1.73
CA ASP B 159 -17.77 11.33 -1.45
C ASP B 159 -16.79 11.02 -0.32
N ALA B 160 -15.67 11.75 -0.30
CA ALA B 160 -14.59 11.55 0.66
C ALA B 160 -15.09 11.57 2.10
N HIS B 161 -15.99 12.49 2.42
CA HIS B 161 -16.48 12.53 3.81
C HIS B 161 -17.13 11.24 4.23
N ASP B 162 -17.91 10.62 3.34
CA ASP B 162 -18.58 9.37 3.66
C ASP B 162 -17.64 8.19 3.66
N VAL B 163 -16.72 8.15 2.69
CA VAL B 163 -15.79 7.03 2.59
C VAL B 163 -14.82 7.07 3.80
N PHE B 164 -14.25 8.25 4.11
CA PHE B 164 -13.42 8.33 5.31
C PHE B 164 -14.18 8.04 6.60
N SER B 165 -15.48 8.37 6.68
CA SER B 165 -16.25 7.99 7.84
C SER B 165 -16.37 6.45 7.94
N THR B 166 -16.58 5.77 6.82
CA THR B 166 -16.63 4.33 6.85
C THR B 166 -15.30 3.73 7.27
N LEU B 167 -14.20 4.23 6.70
CA LEU B 167 -12.89 3.70 7.04
C LEU B 167 -12.60 3.86 8.54
N GLU B 168 -12.94 5.01 9.12
CA GLU B 168 -12.74 5.23 10.56
C GLU B 168 -13.62 4.27 11.40
N ALA B 169 -14.87 4.12 11.01
CA ALA B 169 -15.79 3.23 11.75
C ALA B 169 -15.27 1.79 11.78
N VAL B 170 -14.76 1.33 10.64
CA VAL B 170 -14.15 0.02 10.55
C VAL B 170 -12.93 -0.13 11.45
N PHE B 171 -12.05 0.86 11.40
CA PHE B 171 -10.83 0.84 12.18
C PHE B 171 -11.13 0.83 13.66
N ARG B 172 -12.13 1.63 14.06
CA ARG B 172 -12.52 1.73 15.47
C ARG B 172 -13.15 0.42 15.96
N MSE B 173 -14.00 -0.16 15.14
CA MSE B 173 -14.64 -1.44 15.45
C MSE B 173 -13.54 -2.45 15.68
O MSE B 173 -13.53 -3.16 16.68
CB MSE B 173 -15.57 -1.88 14.32
CG MSE B 173 -16.17 -3.30 14.46
SE MSE B 173 -14.99 -4.78 13.84
CE MSE B 173 -14.81 -4.14 11.91
N ALA B 174 -12.56 -2.51 14.79
CA ALA B 174 -11.51 -3.52 14.92
C ALA B 174 -10.56 -3.27 16.10
N GLU B 175 -10.19 -2.01 16.36
CA GLU B 175 -9.18 -1.71 17.34
C GLU B 175 -9.76 -1.91 18.75
N GLN B 176 -11.09 -1.85 18.86
CA GLN B 176 -11.81 -2.12 20.13
C GLN B 176 -11.74 -3.61 20.49
N GLN B 177 -11.68 -4.47 19.47
CA GLN B 177 -11.71 -5.95 19.60
C GLN B 177 -10.35 -6.66 19.67
N THR B 178 -9.30 -6.08 19.06
CA THR B 178 -8.02 -6.74 18.78
C THR B 178 -6.87 -5.76 19.09
N ASN B 179 -5.78 -6.23 19.70
CA ASN B 179 -4.72 -5.31 20.16
C ASN B 179 -4.02 -4.54 19.02
N HIS B 180 -3.59 -5.25 17.99
CA HIS B 180 -2.79 -4.67 16.92
C HIS B 180 -3.54 -4.89 15.62
N ILE B 181 -3.89 -3.78 14.97
CA ILE B 181 -4.52 -3.86 13.66
C ILE B 181 -3.81 -2.91 12.68
N THR B 182 -3.79 -3.30 11.42
CA THR B 182 -3.48 -2.34 10.37
C THR B 182 -4.60 -2.40 9.31
N MSE B 183 -4.65 -1.38 8.46
CA MSE B 183 -5.67 -1.30 7.43
C MSE B 183 -5.10 -0.48 6.26
O MSE B 183 -4.68 0.64 6.47
CB MSE B 183 -6.93 -0.64 7.99
CG MSE B 183 -8.09 -0.52 7.02
SE MSE B 183 -9.67 0.33 7.81
CE MSE B 183 -8.97 2.18 7.85
N THR B 184 -5.00 -1.08 5.07
CA THR B 184 -4.49 -0.35 3.88
C THR B 184 -5.65 0.30 3.20
N VAL B 185 -5.39 1.43 2.55
CA VAL B 185 -6.37 2.13 1.77
C VAL B 185 -5.68 2.61 0.49
N ASN B 186 -6.47 2.68 -0.58
CA ASN B 186 -5.99 3.13 -1.87
C ASN B 186 -7.16 3.91 -2.47
N LEU B 187 -7.09 5.25 -2.46
CA LEU B 187 -8.22 6.14 -2.76
C LEU B 187 -7.84 6.97 -3.97
N SER B 188 -8.70 6.97 -4.96
CA SER B 188 -8.39 7.58 -6.28
C SER B 188 -9.30 8.74 -6.61
N ALA B 189 -8.71 9.91 -6.86
CA ALA B 189 -9.46 11.13 -7.18
C ALA B 189 -9.19 11.61 -8.61
N ASN B 190 -10.24 12.06 -9.28
CA ASN B 190 -10.14 12.63 -10.64
C ASN B 190 -9.51 11.67 -11.67
N SER B 191 -9.83 10.40 -11.53
CA SER B 191 -9.38 9.33 -12.40
C SER B 191 -9.95 9.63 -13.79
N PRO B 192 -9.17 9.49 -14.87
CA PRO B 192 -9.68 9.81 -16.21
C PRO B 192 -10.83 8.88 -16.65
C ACT C . -2.38 -0.33 -12.35
O ACT C . -2.10 0.82 -11.86
OXT ACT C . -3.58 -0.65 -12.61
CH3 ACT C . -1.26 -1.30 -12.58
CA CA D . 3.49 -8.70 -23.06
C ACT E . 4.04 11.74 0.53
O ACT E . 3.93 11.19 -0.65
OXT ACT E . 5.15 11.74 1.20
CH3 ACT E . 2.83 12.37 1.14
#